data_8HEJ
#
_entry.id   8HEJ
#
_cell.length_a   84.945
_cell.length_b   42.685
_cell.length_c   64.272
_cell.angle_alpha   90.00
_cell.angle_beta   90.00
_cell.angle_gamma   90.00
#
_symmetry.space_group_name_H-M   'P 21 21 2'
#
loop_
_entity.id
_entity.type
_entity.pdbx_description
1 polymer Transthyretin
2 non-polymer 2,6-dibromo-4-[(E)-2-(3,5-dimethyl-1H-pyrazol-4-yl)ethenyl]phenol
3 non-polymer 2,4,6-trifluorobenzaldehyde
4 water water
#
_entity_poly.entity_id   1
_entity_poly.type   'polypeptide(L)'
_entity_poly.pdbx_seq_one_letter_code
;PLMVKVLDAVRGSPAINVAVHVFRKAADDTWEPFASGKTSESGELHGLTTEEEFVEGIYKVEIDTKSYWKALGISPFHEH
AEVVFTANDSGPRRYTIAALLSPYSYSTTAVVTN
;
_entity_poly.pdbx_strand_id   A,B
#
loop_
_chem_comp.id
_chem_comp.type
_chem_comp.name
_chem_comp.formula
XHB non-polymer 2,4,6-trifluorobenzaldehyde 'C7 H3 F3 O'
XHF non-polymer 2,6-dibromo-4-[(E)-2-(3,5-dimethyl-1H-pyrazol-4-yl)ethenyl]phenol 'C13 H12 Br2 N2 O'
#
# COMPACT_ATOMS: atom_id res chain seq x y z
N PRO A 1 0.96 4.52 21.17
CA PRO A 1 1.79 3.48 20.54
C PRO A 1 1.59 3.35 19.05
N LEU A 2 0.52 3.93 18.50
CA LEU A 2 0.28 3.87 17.07
C LEU A 2 -0.29 5.21 16.64
N MET A 3 0.43 5.93 15.77
CA MET A 3 0.02 7.23 15.28
C MET A 3 0.11 7.20 13.76
N VAL A 4 -0.75 7.97 13.09
CA VAL A 4 -0.75 8.02 11.62
C VAL A 4 -0.64 9.49 11.22
N LYS A 5 0.25 9.79 10.28
CA LYS A 5 0.44 11.15 9.79
C LYS A 5 0.30 11.14 8.29
N VAL A 6 -0.50 12.04 7.73
CA VAL A 6 -0.80 12.00 6.29
C VAL A 6 -0.61 13.40 5.73
N LEU A 7 0.15 13.50 4.64
CA LEU A 7 0.48 14.77 3.98
C LEU A 7 -0.02 14.74 2.55
N ASP A 8 -0.28 15.94 2.01
CA ASP A 8 -0.82 16.10 0.67
C ASP A 8 0.28 16.76 -0.19
N ALA A 9 0.74 16.01 -1.19
CA ALA A 9 1.86 16.46 -2.02
C ALA A 9 1.43 17.40 -3.13
N VAL A 10 0.12 17.58 -3.37
CA VAL A 10 -0.39 18.53 -4.35
C VAL A 10 -0.50 19.93 -3.77
N ARG A 11 -0.98 20.02 -2.54
CA ARG A 11 -1.22 21.29 -1.86
C ARG A 11 -0.06 21.70 -0.96
N GLY A 12 0.81 20.76 -0.57
CA GLY A 12 1.87 21.07 0.38
C GLY A 12 1.30 21.37 1.73
N SER A 13 0.46 20.45 2.20
CA SER A 13 -0.30 20.69 3.41
CA SER A 13 -0.31 20.69 3.41
C SER A 13 -0.50 19.36 4.13
N PRO A 14 -0.82 19.39 5.40
CA PRO A 14 -1.42 18.20 6.01
C PRO A 14 -2.62 17.75 5.17
N ALA A 15 -2.82 16.43 5.12
CA ALA A 15 -4.04 15.84 4.59
C ALA A 15 -5.05 15.76 5.74
N ILE A 16 -6.02 16.66 5.74
CA ILE A 16 -6.96 16.82 6.85
C ILE A 16 -8.19 15.95 6.63
N ASN A 17 -8.75 15.40 7.71
CA ASN A 17 -10.01 14.64 7.66
CA ASN A 17 -10.02 14.68 7.61
C ASN A 17 -9.93 13.40 6.77
N VAL A 18 -8.79 12.73 6.77
CA VAL A 18 -8.58 11.44 6.11
C VAL A 18 -9.01 10.34 7.05
N ALA A 19 -9.94 9.49 6.61
CA ALA A 19 -10.36 8.37 7.42
C ALA A 19 -9.30 7.27 7.39
N VAL A 20 -9.12 6.64 8.54
CA VAL A 20 -8.10 5.61 8.71
C VAL A 20 -8.74 4.46 9.48
N HIS A 21 -8.65 3.24 8.95
CA HIS A 21 -9.20 2.07 9.61
C HIS A 21 -8.06 1.12 9.88
N VAL A 22 -7.98 0.60 11.09
CA VAL A 22 -6.92 -0.34 11.46
C VAL A 22 -7.59 -1.66 11.71
N PHE A 23 -6.98 -2.72 11.19
CA PHE A 23 -7.42 -4.09 11.35
C PHE A 23 -6.28 -4.89 11.96
N ARG A 24 -6.67 -6.00 12.58
CA ARG A 24 -5.69 -6.93 13.14
C ARG A 24 -6.09 -8.33 12.71
N LYS A 25 -5.11 -9.09 12.23
CA LYS A 25 -5.41 -10.42 11.75
C LYS A 25 -5.74 -11.33 12.93
N ALA A 26 -6.89 -12.00 12.85
CA ALA A 26 -7.39 -12.90 13.88
C ALA A 26 -6.79 -14.29 13.75
N ALA A 27 -7.07 -15.15 14.74
CA ALA A 27 -6.50 -16.50 14.74
C ALA A 27 -7.01 -17.32 13.58
N ASP A 28 -8.17 -16.99 13.03
CA ASP A 28 -8.70 -17.68 11.87
C ASP A 28 -8.29 -17.02 10.57
N ASP A 29 -7.31 -16.11 10.59
CA ASP A 29 -6.71 -15.47 9.42
C ASP A 29 -7.62 -14.43 8.78
N THR A 30 -8.71 -14.01 9.42
CA THR A 30 -9.49 -12.89 8.93
C THR A 30 -9.01 -11.57 9.53
N TRP A 31 -9.37 -10.47 8.85
CA TRP A 31 -9.05 -9.14 9.33
C TRP A 31 -10.17 -8.67 10.25
N GLU A 32 -9.85 -8.49 11.52
CA GLU A 32 -10.83 -7.99 12.47
C GLU A 32 -10.67 -6.48 12.66
N PRO A 33 -11.75 -5.72 12.71
CA PRO A 33 -11.61 -4.28 12.96
C PRO A 33 -11.00 -4.04 14.33
N PHE A 34 -10.02 -3.15 14.38
CA PHE A 34 -9.24 -2.88 15.58
C PHE A 34 -9.39 -1.47 16.11
N ALA A 35 -9.29 -0.48 15.22
CA ALA A 35 -9.51 0.91 15.65
C ALA A 35 -9.74 1.72 14.40
N SER A 36 -10.34 2.91 14.55
CA SER A 36 -10.42 3.81 13.41
C SER A 36 -10.46 5.26 13.89
N GLY A 37 -10.20 6.18 12.96
CA GLY A 37 -10.28 7.59 13.29
C GLY A 37 -10.08 8.42 12.03
N LYS A 38 -9.89 9.73 12.23
CA LYS A 38 -9.69 10.64 11.12
C LYS A 38 -8.52 11.54 11.43
N THR A 39 -7.78 11.97 10.40
CA THR A 39 -6.67 12.88 10.69
C THR A 39 -7.20 14.28 11.04
N SER A 40 -6.46 14.94 11.91
CA SER A 40 -6.78 16.26 12.41
C SER A 40 -6.35 17.35 11.41
N GLU A 41 -6.47 18.61 11.84
CA GLU A 41 -5.99 19.76 11.06
C GLU A 41 -4.50 19.70 10.80
N SER A 42 -3.75 18.98 11.62
CA SER A 42 -2.31 18.84 11.42
C SER A 42 -1.97 17.59 10.62
N GLY A 43 -2.98 16.87 10.14
CA GLY A 43 -2.72 15.66 9.39
C GLY A 43 -2.38 14.47 10.26
N GLU A 44 -2.54 14.57 11.57
CA GLU A 44 -2.15 13.51 12.50
C GLU A 44 -3.38 12.86 13.10
N LEU A 45 -3.26 11.57 13.37
CA LEU A 45 -4.31 10.80 14.03
C LEU A 45 -3.69 10.14 15.24
N HIS A 46 -4.08 10.60 16.42
CA HIS A 46 -3.62 10.09 17.71
C HIS A 46 -4.75 9.34 18.40
N GLY A 47 -4.39 8.59 19.43
CA GLY A 47 -5.43 7.99 20.26
C GLY A 47 -6.10 6.77 19.69
N LEU A 48 -5.54 6.15 18.65
CA LEU A 48 -6.16 4.96 18.08
C LEU A 48 -6.24 3.83 19.09
N THR A 49 -5.20 3.65 19.90
CA THR A 49 -5.16 2.47 20.74
C THR A 49 -4.39 2.77 22.02
N THR A 50 -4.24 1.76 22.87
CA THR A 50 -3.51 1.87 24.13
C THR A 50 -2.40 0.83 24.13
N GLU A 51 -1.42 0.99 25.01
CA GLU A 51 -0.38 -0.03 25.11
C GLU A 51 -0.96 -1.39 25.51
N GLU A 52 -2.03 -1.40 26.31
CA GLU A 52 -2.66 -2.66 26.72
C GLU A 52 -3.32 -3.37 25.54
N GLU A 53 -4.08 -2.63 24.73
CA GLU A 53 -4.83 -3.26 23.65
C GLU A 53 -3.96 -3.61 22.45
N PHE A 54 -2.86 -2.88 22.24
CA PHE A 54 -2.01 -3.02 21.06
C PHE A 54 -1.00 -4.16 21.28
N VAL A 55 -1.53 -5.37 21.27
CA VAL A 55 -0.73 -6.57 21.48
C VAL A 55 0.02 -6.98 20.22
N GLU A 56 0.85 -8.00 20.33
CA GLU A 56 1.51 -8.57 19.16
C GLU A 56 0.46 -8.88 18.12
N GLY A 57 0.81 -8.69 16.87
CA GLY A 57 -0.10 -9.16 15.83
C GLY A 57 0.32 -8.64 14.47
N ILE A 58 -0.44 -9.03 13.46
CA ILE A 58 -0.28 -8.45 12.12
C ILE A 58 -1.40 -7.43 11.98
N TYR A 59 -1.01 -6.20 11.69
CA TYR A 59 -1.94 -5.08 11.61
C TYR A 59 -1.97 -4.52 10.20
N LYS A 60 -3.15 -4.02 9.82
CA LYS A 60 -3.35 -3.39 8.52
C LYS A 60 -3.92 -2.01 8.81
N VAL A 61 -3.21 -1.00 8.36
CA VAL A 61 -3.63 0.40 8.48
C VAL A 61 -4.09 0.81 7.10
N GLU A 62 -5.40 0.98 6.94
CA GLU A 62 -6.03 1.32 5.66
C GLU A 62 -6.32 2.83 5.71
N ILE A 63 -5.67 3.59 4.83
CA ILE A 63 -5.83 5.04 4.72
C ILE A 63 -6.74 5.31 3.54
N ASP A 64 -7.86 5.97 3.80
CA ASP A 64 -8.94 6.07 2.80
C ASP A 64 -8.65 7.27 1.87
N THR A 65 -7.63 7.05 1.01
CA THR A 65 -7.16 8.11 0.11
C THR A 65 -8.20 8.47 -0.94
N LYS A 66 -8.96 7.49 -1.46
CA LYS A 66 -9.94 7.80 -2.49
C LYS A 66 -11.00 8.76 -1.95
N SER A 67 -11.53 8.48 -0.75
CA SER A 67 -12.53 9.42 -0.23
C SER A 67 -11.93 10.78 0.05
N TYR A 68 -10.66 10.84 0.42
CA TYR A 68 -9.99 12.11 0.61
C TYR A 68 -9.96 12.91 -0.68
N TRP A 69 -9.45 12.32 -1.77
CA TRP A 69 -9.35 13.05 -3.03
C TRP A 69 -10.72 13.41 -3.58
N LYS A 70 -11.69 12.49 -3.49
CA LYS A 70 -13.03 12.77 -4.01
C LYS A 70 -13.74 13.86 -3.20
N ALA A 71 -13.51 13.92 -1.89
CA ALA A 71 -14.10 15.01 -1.12
C ALA A 71 -13.52 16.34 -1.53
N LEU A 72 -12.33 16.36 -2.14
CA LEU A 72 -11.78 17.55 -2.76
C LEU A 72 -12.12 17.67 -4.24
N GLY A 73 -13.02 16.83 -4.75
CA GLY A 73 -13.44 16.95 -6.14
C GLY A 73 -12.46 16.43 -7.16
N ILE A 74 -11.63 15.46 -6.80
CA ILE A 74 -10.55 14.91 -7.63
C ILE A 74 -10.80 13.42 -7.80
N SER A 75 -10.65 12.91 -9.02
CA SER A 75 -10.76 11.45 -9.21
C SER A 75 -9.42 10.75 -9.17
N PRO A 76 -9.09 10.06 -8.06
CA PRO A 76 -7.75 9.47 -7.90
C PRO A 76 -7.65 8.06 -8.44
N PHE A 77 -6.45 7.52 -8.45
CA PHE A 77 -6.19 6.19 -8.99
C PHE A 77 -6.49 5.07 -7.98
N HIS A 78 -6.00 5.18 -6.76
CA HIS A 78 -6.05 4.08 -5.81
C HIS A 78 -7.35 4.11 -5.02
N GLU A 79 -7.78 2.93 -4.59
CA GLU A 79 -8.91 2.86 -3.66
C GLU A 79 -8.53 3.32 -2.27
N HIS A 80 -7.35 2.94 -1.82
CA HIS A 80 -6.86 3.33 -0.52
C HIS A 80 -5.39 3.02 -0.53
N ALA A 81 -4.72 3.37 0.57
CA ALA A 81 -3.35 2.96 0.77
C ALA A 81 -3.37 2.00 1.94
N GLU A 82 -2.75 0.84 1.80
CA GLU A 82 -2.79 -0.19 2.84
C GLU A 82 -1.38 -0.41 3.34
N VAL A 83 -1.21 -0.40 4.66
CA VAL A 83 0.09 -0.57 5.27
C VAL A 83 -0.03 -1.76 6.20
N VAL A 84 0.67 -2.84 5.90
CA VAL A 84 0.52 -4.10 6.63
C VAL A 84 1.84 -4.50 7.24
N PHE A 85 1.82 -4.81 8.53
CA PHE A 85 3.06 -5.05 9.28
C PHE A 85 2.82 -5.84 10.55
N THR A 86 3.83 -6.61 10.94
CA THR A 86 3.82 -7.20 12.26
C THR A 86 4.28 -6.17 13.30
N ALA A 87 3.56 -6.10 14.41
CA ALA A 87 3.88 -5.17 15.48
C ALA A 87 4.10 -5.91 16.78
N ASN A 88 5.03 -5.36 17.56
CA ASN A 88 5.28 -5.69 18.95
C ASN A 88 5.79 -7.10 19.13
N ASP A 89 6.39 -7.66 18.08
CA ASP A 89 6.85 -9.04 18.17
C ASP A 89 8.13 -9.18 18.97
N SER A 90 8.80 -8.08 19.29
CA SER A 90 9.97 -8.08 20.17
C SER A 90 9.69 -7.20 21.38
N GLY A 91 8.43 -7.11 21.77
CA GLY A 91 8.02 -6.25 22.84
C GLY A 91 7.42 -4.98 22.30
N PRO A 92 6.79 -4.22 23.20
CA PRO A 92 6.10 -2.99 22.78
C PRO A 92 7.04 -2.00 22.10
N ARG A 93 6.56 -1.47 20.98
CA ARG A 93 7.19 -0.37 20.29
C ARG A 93 6.14 0.70 20.03
N ARG A 94 6.62 1.93 19.74
CA ARG A 94 5.79 3.01 19.25
C ARG A 94 5.94 3.11 17.74
N TYR A 95 4.83 3.17 17.04
CA TYR A 95 4.82 3.15 15.58
C TYR A 95 4.17 4.42 15.06
N THR A 96 4.88 5.14 14.19
CA THR A 96 4.27 6.17 13.36
C THR A 96 4.23 5.68 11.93
N ILE A 97 3.03 5.70 11.35
CA ILE A 97 2.87 5.35 9.94
C ILE A 97 2.62 6.66 9.21
N ALA A 98 3.53 7.06 8.31
CA ALA A 98 3.38 8.31 7.59
C ALA A 98 3.07 8.00 6.13
N ALA A 99 2.22 8.83 5.52
CA ALA A 99 1.92 8.65 4.11
C ALA A 99 1.89 10.01 3.44
N LEU A 100 2.41 10.07 2.22
CA LEU A 100 2.49 11.28 1.45
C LEU A 100 1.71 11.00 0.18
N LEU A 101 0.65 11.77 -0.08
CA LEU A 101 -0.35 11.42 -1.10
C LEU A 101 -0.37 12.34 -2.32
N SER A 102 -0.49 11.72 -3.50
CA SER A 102 -0.81 12.37 -4.76
C SER A 102 -1.93 11.61 -5.45
N PRO A 103 -2.58 12.20 -6.46
CA PRO A 103 -3.75 11.50 -7.02
C PRO A 103 -3.43 10.15 -7.63
N TYR A 104 -2.23 9.95 -8.19
CA TYR A 104 -1.86 8.67 -8.81
C TYR A 104 -0.67 8.02 -8.10
N SER A 105 -0.34 8.46 -6.88
CA SER A 105 0.85 7.90 -6.26
CA SER A 105 0.85 7.89 -6.26
C SER A 105 0.78 8.10 -4.77
N TYR A 106 1.47 7.25 -4.02
CA TYR A 106 1.70 7.60 -2.61
C TYR A 106 2.97 6.94 -2.12
N SER A 107 3.55 7.51 -1.09
CA SER A 107 4.71 6.95 -0.43
CA SER A 107 4.71 6.94 -0.42
CA SER A 107 4.69 6.91 -0.42
C SER A 107 4.34 6.74 1.04
N THR A 108 4.83 5.67 1.63
CA THR A 108 4.58 5.45 3.04
C THR A 108 5.87 5.01 3.71
N THR A 109 6.07 5.44 4.96
CA THR A 109 7.21 4.99 5.74
C THR A 109 6.74 4.73 7.17
N ALA A 110 7.57 4.02 7.93
CA ALA A 110 7.28 3.81 9.35
C ALA A 110 8.45 4.33 10.17
N VAL A 111 8.11 4.94 11.31
CA VAL A 111 9.10 5.34 12.31
C VAL A 111 8.77 4.49 13.53
N VAL A 112 9.73 3.64 13.93
CA VAL A 112 9.49 2.67 15.00
C VAL A 112 10.48 2.99 16.10
N THR A 113 9.96 3.30 17.30
CA THR A 113 10.84 3.67 18.40
C THR A 113 10.54 2.80 19.60
N ASN A 114 11.54 2.67 20.48
CA ASN A 114 11.42 1.85 21.66
C ASN A 114 11.31 2.76 22.87
N PRO B 1 -1.72 -5.02 -21.15
CA PRO B 1 -2.60 -4.07 -20.46
C PRO B 1 -2.15 -3.77 -19.03
N LEU B 2 -1.42 -4.67 -18.41
CA LEU B 2 -1.05 -4.52 -17.01
C LEU B 2 0.38 -5.01 -16.82
N MET B 3 1.27 -4.10 -16.41
CA MET B 3 2.67 -4.41 -16.17
C MET B 3 3.02 -3.95 -14.75
N VAL B 4 3.95 -4.66 -14.11
CA VAL B 4 4.42 -4.26 -12.78
C VAL B 4 5.93 -4.10 -12.83
N LYS B 5 6.43 -3.01 -12.25
CA LYS B 5 7.87 -2.74 -12.22
C LYS B 5 8.27 -2.45 -10.79
N VAL B 6 9.33 -3.09 -10.32
CA VAL B 6 9.72 -2.99 -8.93
C VAL B 6 11.21 -2.68 -8.84
N LEU B 7 11.55 -1.67 -8.05
CA LEU B 7 12.91 -1.14 -7.93
C LEU B 7 13.35 -1.21 -6.47
N ASP B 8 14.65 -1.29 -6.27
CA ASP B 8 15.25 -1.44 -4.94
C ASP B 8 16.02 -0.16 -4.65
N ALA B 9 15.60 0.58 -3.62
CA ALA B 9 16.17 1.86 -3.27
C ALA B 9 17.41 1.73 -2.39
N VAL B 10 17.71 0.53 -1.91
CA VAL B 10 18.90 0.30 -1.10
C VAL B 10 20.11 0.01 -1.97
N ARG B 11 19.92 -0.83 -2.97
CA ARG B 11 20.94 -1.28 -3.88
C ARG B 11 20.98 -0.48 -5.17
N GLY B 12 19.93 0.32 -5.45
CA GLY B 12 19.90 1.07 -6.70
C GLY B 12 19.80 0.19 -7.90
N SER B 13 18.84 -0.73 -7.90
CA SER B 13 18.80 -1.81 -8.88
CA SER B 13 18.79 -1.79 -8.90
C SER B 13 17.34 -2.19 -9.10
N PRO B 14 17.04 -2.90 -10.18
CA PRO B 14 15.75 -3.60 -10.23
C PRO B 14 15.65 -4.55 -9.03
N ALA B 15 14.41 -4.76 -8.58
CA ALA B 15 14.12 -5.78 -7.58
C ALA B 15 13.75 -7.06 -8.33
N ILE B 16 14.67 -8.01 -8.30
CA ILE B 16 14.65 -9.21 -9.13
C ILE B 16 14.04 -10.37 -8.35
N ASN B 17 13.21 -11.19 -9.04
CA ASN B 17 12.61 -12.41 -8.47
C ASN B 17 11.67 -12.11 -7.32
N VAL B 18 10.97 -10.97 -7.37
CA VAL B 18 9.95 -10.60 -6.39
C VAL B 18 8.64 -11.22 -6.83
N ALA B 19 7.97 -11.93 -5.91
CA ALA B 19 6.68 -12.51 -6.25
C ALA B 19 5.62 -11.42 -6.23
N VAL B 20 4.74 -11.47 -7.20
CA VAL B 20 3.66 -10.50 -7.35
C VAL B 20 2.38 -11.29 -7.62
N HIS B 21 1.35 -11.00 -6.83
CA HIS B 21 0.04 -11.64 -7.00
C HIS B 21 -1.00 -10.58 -7.27
N VAL B 22 -1.80 -10.78 -8.31
CA VAL B 22 -2.87 -9.85 -8.68
C VAL B 22 -4.17 -10.56 -8.38
N PHE B 23 -5.08 -9.83 -7.75
CA PHE B 23 -6.42 -10.29 -7.37
C PHE B 23 -7.45 -9.34 -7.99
N ARG B 24 -8.63 -9.89 -8.28
CA ARG B 24 -9.77 -9.09 -8.69
C ARG B 24 -10.86 -9.22 -7.64
N LYS B 25 -11.51 -8.11 -7.32
CA LYS B 25 -12.56 -8.16 -6.32
C LYS B 25 -13.80 -8.79 -6.92
N ALA B 26 -14.36 -9.76 -6.20
CA ALA B 26 -15.55 -10.46 -6.66
C ALA B 26 -16.80 -9.81 -6.08
N ALA B 27 -17.96 -10.26 -6.58
CA ALA B 27 -19.22 -9.62 -6.21
C ALA B 27 -19.49 -9.71 -4.72
N ASP B 28 -18.98 -10.75 -4.05
CA ASP B 28 -19.17 -10.89 -2.61
C ASP B 28 -18.08 -10.20 -1.80
N ASP B 29 -17.31 -9.29 -2.42
CA ASP B 29 -16.28 -8.49 -1.76
C ASP B 29 -15.12 -9.34 -1.26
N THR B 30 -14.85 -10.46 -1.92
CA THR B 30 -13.66 -11.24 -1.64
C THR B 30 -12.66 -11.08 -2.78
N TRP B 31 -11.39 -11.32 -2.47
CA TRP B 31 -10.32 -11.16 -3.44
C TRP B 31 -10.03 -12.48 -4.14
N GLU B 32 -10.39 -12.57 -5.43
CA GLU B 32 -10.15 -13.77 -6.24
C GLU B 32 -8.80 -13.68 -6.94
N PRO B 33 -7.98 -14.71 -6.84
CA PRO B 33 -6.72 -14.71 -7.60
C PRO B 33 -6.99 -14.49 -9.08
N PHE B 34 -6.15 -13.65 -9.69
CA PHE B 34 -6.32 -13.23 -11.07
C PHE B 34 -5.11 -13.55 -11.93
N ALA B 35 -3.92 -13.21 -11.45
CA ALA B 35 -2.69 -13.46 -12.20
C ALA B 35 -1.54 -13.35 -11.23
N SER B 36 -0.41 -13.97 -11.57
CA SER B 36 0.76 -13.80 -10.70
C SER B 36 2.05 -14.12 -11.46
N GLY B 37 3.16 -13.75 -10.84
CA GLY B 37 4.45 -14.08 -11.44
C GLY B 37 5.56 -13.56 -10.57
N LYS B 38 6.80 -13.62 -11.09
CA LYS B 38 7.98 -13.09 -10.41
C LYS B 38 8.66 -12.07 -11.31
N THR B 39 9.13 -10.95 -10.73
CA THR B 39 9.83 -9.95 -11.56
C THR B 39 11.09 -10.54 -12.18
N SER B 40 11.36 -10.09 -13.41
CA SER B 40 12.53 -10.46 -14.19
C SER B 40 13.79 -9.77 -13.69
N GLU B 41 14.88 -10.02 -14.40
CA GLU B 41 16.17 -9.40 -14.08
C GLU B 41 16.13 -7.90 -14.30
N SER B 42 15.12 -7.40 -15.00
CA SER B 42 14.93 -5.95 -15.16
C SER B 42 13.92 -5.41 -14.16
N GLY B 43 13.47 -6.24 -13.22
CA GLY B 43 12.49 -5.83 -12.22
C GLY B 43 11.08 -5.73 -12.75
N GLU B 44 10.82 -6.25 -13.96
CA GLU B 44 9.54 -6.10 -14.62
C GLU B 44 8.80 -7.44 -14.65
N LEU B 45 7.48 -7.34 -14.65
CA LEU B 45 6.63 -8.52 -14.77
C LEU B 45 5.61 -8.20 -15.86
N HIS B 46 5.78 -8.86 -17.00
CA HIS B 46 4.96 -8.71 -18.19
C HIS B 46 4.12 -9.97 -18.34
N GLY B 47 3.09 -9.86 -19.16
CA GLY B 47 2.33 -11.05 -19.52
C GLY B 47 1.33 -11.49 -18.47
N LEU B 48 0.98 -10.62 -17.55
CA LEU B 48 0.03 -11.00 -16.49
C LEU B 48 -1.35 -11.29 -17.05
N THR B 49 -1.81 -10.51 -18.01
CA THR B 49 -3.19 -10.66 -18.46
C THR B 49 -3.25 -10.25 -19.91
N THR B 50 -4.45 -10.32 -20.48
CA THR B 50 -4.71 -9.89 -21.84
C THR B 50 -5.83 -8.86 -21.80
N GLU B 51 -5.98 -8.12 -22.89
CA GLU B 51 -7.07 -7.15 -22.92
C GLU B 51 -8.44 -7.82 -22.74
N GLU B 52 -8.61 -9.03 -23.29
CA GLU B 52 -9.90 -9.71 -23.17
C GLU B 52 -10.26 -9.96 -21.70
N GLU B 53 -9.28 -10.37 -20.88
CA GLU B 53 -9.57 -10.76 -19.50
C GLU B 53 -9.57 -9.59 -18.53
N PHE B 54 -8.90 -8.50 -18.85
CA PHE B 54 -8.69 -7.37 -17.94
C PHE B 54 -9.85 -6.37 -18.04
N VAL B 55 -10.99 -6.80 -17.54
CA VAL B 55 -12.19 -5.97 -17.61
C VAL B 55 -12.20 -4.95 -16.50
N GLU B 56 -13.10 -3.98 -16.59
CA GLU B 56 -13.21 -2.98 -15.54
C GLU B 56 -13.45 -3.68 -14.21
N GLY B 57 -12.98 -3.06 -13.14
CA GLY B 57 -13.20 -3.66 -11.84
C GLY B 57 -12.13 -3.19 -10.88
N ILE B 58 -12.21 -3.69 -9.64
CA ILE B 58 -11.22 -3.34 -8.61
C ILE B 58 -10.18 -4.44 -8.52
N TYR B 59 -8.91 -4.06 -8.59
CA TYR B 59 -7.79 -5.00 -8.60
C TYR B 59 -6.84 -4.68 -7.46
N LYS B 60 -6.19 -5.73 -6.95
CA LYS B 60 -5.16 -5.63 -5.92
C LYS B 60 -3.90 -6.28 -6.45
N VAL B 61 -2.80 -5.52 -6.40
CA VAL B 61 -1.48 -6.02 -6.76
C VAL B 61 -0.72 -6.14 -5.46
N GLU B 62 -0.40 -7.38 -5.06
CA GLU B 62 0.35 -7.63 -3.83
CA GLU B 62 0.33 -7.65 -3.82
C GLU B 62 1.78 -7.99 -4.19
N ILE B 63 2.73 -7.21 -3.68
CA ILE B 63 4.14 -7.40 -3.96
C ILE B 63 4.77 -7.99 -2.71
N ASP B 64 5.40 -9.16 -2.82
CA ASP B 64 5.90 -9.90 -1.64
C ASP B 64 7.28 -9.33 -1.24
N THR B 65 7.22 -8.12 -0.67
CA THR B 65 8.43 -7.38 -0.27
C THR B 65 9.18 -8.05 0.88
N LYS B 66 8.45 -8.63 1.85
CA LYS B 66 9.11 -9.24 3.00
C LYS B 66 10.09 -10.34 2.56
N SER B 67 9.65 -11.24 1.68
CA SER B 67 10.56 -12.30 1.21
C SER B 67 11.73 -11.76 0.42
N TYR B 68 11.51 -10.67 -0.32
CA TYR B 68 12.58 -10.05 -1.08
C TYR B 68 13.70 -9.56 -0.14
N TRP B 69 13.31 -8.82 0.91
CA TRP B 69 14.31 -8.31 1.85
C TRP B 69 14.96 -9.44 2.61
N LYS B 70 14.18 -10.44 3.05
CA LYS B 70 14.77 -11.54 3.79
C LYS B 70 15.81 -12.29 2.95
N ALA B 71 15.55 -12.43 1.64
CA ALA B 71 16.55 -13.11 0.80
C ALA B 71 17.81 -12.28 0.64
N LEU B 72 17.74 -10.96 0.82
CA LEU B 72 18.94 -10.14 0.84
C LEU B 72 19.58 -10.05 2.22
N GLY B 73 19.01 -10.73 3.22
CA GLY B 73 19.56 -10.66 4.56
C GLY B 73 19.20 -9.39 5.30
N ILE B 74 18.13 -8.72 4.93
CA ILE B 74 17.75 -7.43 5.48
C ILE B 74 16.41 -7.58 6.17
N SER B 75 16.29 -7.00 7.38
CA SER B 75 15.06 -7.12 8.16
C SER B 75 14.06 -6.04 7.72
N PRO B 76 12.90 -6.42 7.17
CA PRO B 76 11.95 -5.41 6.69
C PRO B 76 10.80 -5.15 7.62
N PHE B 77 10.06 -4.06 7.34
CA PHE B 77 8.93 -3.67 8.17
C PHE B 77 7.62 -4.28 7.70
N HIS B 78 7.33 -4.18 6.41
CA HIS B 78 6.01 -4.56 5.90
C HIS B 78 5.89 -6.05 5.62
N GLU B 79 4.67 -6.57 5.75
CA GLU B 79 4.41 -7.93 5.30
C GLU B 79 4.49 -8.06 3.79
N HIS B 80 3.96 -7.06 3.10
CA HIS B 80 3.97 -6.97 1.64
C HIS B 80 3.61 -5.53 1.33
N ALA B 81 3.65 -5.18 0.05
CA ALA B 81 3.15 -3.89 -0.43
C ALA B 81 1.90 -4.16 -1.24
N GLU B 82 0.82 -3.41 -0.99
CA GLU B 82 -0.45 -3.68 -1.64
C GLU B 82 -0.88 -2.45 -2.41
N VAL B 83 -1.30 -2.64 -3.66
CA VAL B 83 -1.70 -1.52 -4.49
C VAL B 83 -3.09 -1.86 -5.01
N VAL B 84 -4.08 -1.08 -4.62
CA VAL B 84 -5.48 -1.40 -4.90
C VAL B 84 -6.06 -0.26 -5.71
N PHE B 85 -6.68 -0.58 -6.84
CA PHE B 85 -7.10 0.47 -7.78
C PHE B 85 -8.26 -0.03 -8.63
N THR B 86 -8.96 0.91 -9.28
CA THR B 86 -10.01 0.54 -10.22
C THR B 86 -9.52 0.68 -11.65
N ALA B 87 -9.75 -0.35 -12.44
CA ALA B 87 -9.50 -0.28 -13.88
C ALA B 87 -10.76 0.28 -14.52
N ASN B 88 -10.62 1.40 -15.25
CA ASN B 88 -11.74 2.02 -15.93
C ASN B 88 -11.45 2.18 -17.41
N ASP B 89 -12.42 1.78 -18.23
CA ASP B 89 -12.32 1.91 -19.68
C ASP B 89 -12.52 3.37 -20.05
N SER B 90 -11.49 3.97 -20.63
CA SER B 90 -11.42 5.40 -20.90
C SER B 90 -10.57 5.57 -22.15
N GLY B 91 -11.00 4.93 -23.23
CA GLY B 91 -10.16 4.77 -24.39
C GLY B 91 -9.12 3.70 -24.13
N PRO B 92 -8.24 3.44 -25.12
CA PRO B 92 -7.24 2.38 -24.96
C PRO B 92 -6.22 2.77 -23.90
N ARG B 93 -6.10 1.96 -22.85
CA ARG B 93 -5.20 2.36 -21.74
C ARG B 93 -4.46 1.17 -21.12
N ARG B 94 -3.14 1.28 -21.11
CA ARG B 94 -2.21 0.36 -20.48
C ARG B 94 -1.86 0.91 -19.09
N TYR B 95 -1.82 0.01 -18.10
CA TYR B 95 -1.48 0.37 -16.72
C TYR B 95 -0.12 -0.19 -16.37
N THR B 96 0.79 0.67 -15.93
CA THR B 96 2.01 0.22 -15.27
C THR B 96 1.91 0.58 -13.80
N ILE B 97 2.06 -0.41 -12.94
CA ILE B 97 2.15 -0.19 -11.50
C ILE B 97 3.64 -0.25 -11.15
N ALA B 98 4.21 0.85 -10.68
CA ALA B 98 5.62 0.84 -10.29
C ALA B 98 5.72 0.96 -8.77
N ALA B 99 6.70 0.27 -8.21
CA ALA B 99 6.97 0.38 -6.78
C ALA B 99 8.46 0.48 -6.54
N LEU B 100 8.83 1.33 -5.59
CA LEU B 100 10.21 1.62 -5.20
C LEU B 100 10.32 1.26 -3.72
N LEU B 101 11.13 0.24 -3.43
CA LEU B 101 11.15 -0.43 -2.12
C LEU B 101 12.35 -0.02 -1.29
N SER B 102 12.10 0.23 0.00
CA SER B 102 13.10 0.28 1.05
C SER B 102 12.66 -0.57 2.22
N PRO B 103 13.56 -0.89 3.15
CA PRO B 103 13.15 -1.84 4.20
C PRO B 103 11.96 -1.36 5.03
N TYR B 104 11.87 -0.06 5.32
CA TYR B 104 10.79 0.47 6.13
C TYR B 104 9.89 1.40 5.36
N SER B 105 9.96 1.39 4.02
CA SER B 105 9.15 2.34 3.27
CA SER B 105 9.15 2.34 3.27
C SER B 105 8.94 1.84 1.86
N TYR B 106 7.85 2.29 1.23
CA TYR B 106 7.79 2.11 -0.22
C TYR B 106 6.98 3.22 -0.83
N SER B 107 7.27 3.49 -2.10
CA SER B 107 6.51 4.43 -2.90
CA SER B 107 6.50 4.44 -2.90
CA SER B 107 6.48 4.43 -2.89
C SER B 107 5.93 3.69 -4.10
N THR B 108 4.71 4.04 -4.49
CA THR B 108 4.13 3.42 -5.67
C THR B 108 3.45 4.49 -6.51
N THR B 109 3.51 4.29 -7.82
CA THR B 109 2.81 5.18 -8.74
C THR B 109 2.20 4.36 -9.87
N ALA B 110 1.25 4.97 -10.58
CA ALA B 110 0.59 4.37 -11.74
C ALA B 110 0.97 5.20 -12.94
N VAL B 111 1.37 4.54 -14.02
CA VAL B 111 1.62 5.19 -15.32
C VAL B 111 0.58 4.61 -16.25
N VAL B 112 -0.39 5.43 -16.63
CA VAL B 112 -1.52 4.95 -17.41
C VAL B 112 -1.48 5.67 -18.75
N THR B 113 -1.27 4.91 -19.83
CA THR B 113 -1.05 5.52 -21.14
C THR B 113 -1.97 4.91 -22.18
N ASN B 114 -1.98 5.53 -23.35
CA ASN B 114 -2.74 5.08 -24.51
C ASN B 114 -1.79 4.62 -25.60
C10 XHF C . 7.18 11.80 5.84
C13 XHF C . 8.32 11.87 2.44
C17 XHF C . 5.91 9.15 3.62
C01 XHF C . 6.56 14.02 9.46
C02 XHF C . 6.66 12.65 9.47
C03 XHF C . 6.84 11.99 8.28
C04 XHF C . 6.98 12.66 7.09
C05 XHF C . 6.95 14.06 7.08
C06 XHF C . 6.77 14.71 8.30
C11 XHF C . 7.32 12.29 4.64
C12 XHF C . 7.53 11.32 3.47
C16 XHF C . 6.90 10.14 3.00
C18 XHF C . 9.21 13.12 2.30
N14 XHF C . 8.26 10.95 1.51
N15 XHF C . 7.45 9.96 1.83
O07 XHF C . 6.36 14.59 10.72
BR08 XHF C . 6.70 16.64 8.47
BR09 XHF C . 6.47 11.58 11.06
C26 XHB D . 0.60 20.46 9.58
C28 XHB D . 2.07 18.93 10.69
C25 XHB D . 0.41 21.15 10.76
C27 XHB D . 1.43 19.35 9.54
C29 XHB D . 1.90 19.63 11.87
C30 XHB D . 1.07 20.73 11.91
C33 XHB D . 3.00 17.72 10.62
F24 XHB D . -0.41 22.24 10.80
F31 XHB D . 2.55 19.20 13.00
F32 XHB D . 1.61 18.68 8.37
O34 XHB D . 3.89 17.73 9.84
C10 XHF E . 10.38 4.98 -10.56
C13 XHF E . 10.15 7.02 -7.98
C17 XHF E . 7.40 4.45 -7.61
C01 XHF E . 10.45 3.17 -14.56
C02 XHF E . 9.29 3.41 -13.85
C03 XHF E . 9.17 3.96 -12.59
C04 XHF E . 10.32 4.36 -11.95
C05 XHF E . 11.52 4.19 -12.60
C06 XHF E . 11.53 3.62 -13.85
C11 XHF E . 9.31 5.27 -9.88
C12 XHF E . 9.47 5.91 -8.51
C16 XHF E . 8.48 5.55 -7.56
C18 XHF E . 11.28 7.87 -8.57
N14 XHF E . 9.69 7.14 -6.77
N15 XHF E . 8.71 6.30 -6.52
O07 XHF E . 10.65 2.60 -15.82
BR08 XHF E . 13.26 3.42 -14.69
BR09 XHF E . 7.75 2.81 -14.88
C26 XHB F . 16.69 -2.68 -16.26
C28 XHB F . 15.05 -0.94 -16.24
C25 XHB F . 16.79 -2.55 -17.63
C27 XHB F . 15.81 -1.87 -15.56
C29 XHB F . 15.16 -0.80 -17.61
C30 XHB F . 16.03 -1.62 -18.31
C33 XHB F . 14.09 -0.04 -15.44
F24 XHB F . 17.66 -3.36 -18.32
F31 XHB F . 14.41 0.13 -18.27
F32 XHB F . 15.70 -1.99 -14.21
O34 XHB F . 14.61 0.75 -14.72
#